data_4U5W
#
_entry.id   4U5W
#
_cell.length_a   56.489
_cell.length_b   57.265
_cell.length_c   72.111
_cell.angle_alpha   112.28
_cell.angle_beta   96.09
_cell.angle_gamma   106.00
#
_symmetry.space_group_name_H-M   'P 1'
#
loop_
_entity.id
_entity.type
_entity.pdbx_description
1 polymer 'Protein Nef'
2 polymer 'Tyrosine-protein kinase HCK'
3 non-polymer (4S)-2-METHYL-2,4-PENTANEDIOL
4 non-polymer 'IODIDE ION'
5 water water
#
loop_
_entity_poly.entity_id
_entity_poly.type
_entity_poly.pdbx_seq_one_letter_code
_entity_poly.pdbx_strand_id
1 'polypeptide(L)'
;MLEAQEEEEVGFPVRPQVPLRPMTYKAALDISHFLKEKGGLEGLIWSQRRQEILDLWIYHTQGYFPDWQNYTPGPGIRYP
LTFGWCFKLVPVEPEKVEEANEGENNSLLHPMSLHGMEDAEKEVLVWRFDSKLAFHHMARELHPEYYKD
;
A,C
2 'polypeptide(L)'
;MGIREAGSEDIIVVALYDYEAIHHEDLSFQKGDQMVVLEESGEWWKARSLATRKEGYIPSNYVARVDSLETEEWFFKGIS
RKDAERQLLAPGNMLGSFMIRDSETTKGSYSLSVRDYDPRQGDTVKHYKIRTLDNGGFYISPRSTFSTLQELVDHYKKGN
DGLCQKLSVPCMLEHHHHHH
;
B,D
#
loop_
_chem_comp.id
_chem_comp.type
_chem_comp.name
_chem_comp.formula
IOD non-polymer 'IODIDE ION' 'I -1'
MPD non-polymer (4S)-2-METHYL-2,4-PENTANEDIOL 'C6 H14 O2'
#
# COMPACT_ATOMS: atom_id res chain seq x y z
N PHE A 12 -10.42 11.20 1.52
CA PHE A 12 -9.91 10.34 2.58
C PHE A 12 -9.06 9.25 1.94
N PRO A 13 -7.86 9.07 2.48
CA PRO A 13 -6.85 8.23 1.84
C PRO A 13 -7.19 6.72 1.77
N VAL A 14 -6.65 6.05 0.76
CA VAL A 14 -6.87 4.64 0.53
C VAL A 14 -6.09 3.82 1.55
N ARG A 15 -6.71 2.81 2.10
CA ARG A 15 -6.06 1.96 3.07
C ARG A 15 -4.75 1.40 2.53
N PRO A 16 -3.69 1.50 3.31
CA PRO A 16 -2.36 1.14 2.80
C PRO A 16 -2.04 -0.36 2.91
N GLN A 17 -0.88 -0.74 2.40
CA GLN A 17 -0.34 -2.08 2.53
C GLN A 17 -0.40 -2.56 3.99
N VAL A 18 -0.93 -3.76 4.22
CA VAL A 18 -0.99 -4.34 5.56
C VAL A 18 0.27 -5.17 5.80
N PRO A 19 0.54 -5.54 7.07
CA PRO A 19 1.77 -6.30 7.31
C PRO A 19 1.76 -7.71 6.70
N LEU A 20 2.94 -8.22 6.38
CA LEU A 20 3.09 -9.55 5.81
C LEU A 20 2.67 -10.64 6.78
N ARG A 21 2.05 -11.69 6.23
CA ARG A 21 1.79 -12.90 7.00
C ARG A 21 1.70 -14.08 6.02
N PRO A 22 2.00 -15.30 6.49
CA PRO A 22 2.06 -16.42 5.55
C PRO A 22 0.69 -16.94 5.16
N MET A 23 0.57 -17.46 3.94
CA MET A 23 -0.68 -18.07 3.51
C MET A 23 -0.87 -19.37 4.30
N THR A 24 -2.10 -19.64 4.71
CA THR A 24 -2.45 -20.86 5.43
C THR A 24 -3.70 -21.48 4.81
N TYR A 25 -3.98 -22.72 5.20
CA TYR A 25 -5.24 -23.37 4.81
C TYR A 25 -6.43 -22.53 5.26
N LYS A 26 -6.40 -22.07 6.50
CA LYS A 26 -7.50 -21.28 7.07
C LYS A 26 -7.77 -20.00 6.28
N ALA A 27 -6.72 -19.29 5.92
CA ALA A 27 -6.84 -18.05 5.18
C ALA A 27 -7.35 -18.30 3.77
N ALA A 28 -6.81 -19.30 3.10
CA ALA A 28 -7.21 -19.62 1.74
C ALA A 28 -8.69 -20.01 1.71
N LEU A 29 -9.12 -20.71 2.74
CA LEU A 29 -10.52 -21.16 2.83
C LEU A 29 -11.47 -19.98 2.98
N ASP A 30 -11.11 -19.05 3.86
CA ASP A 30 -11.96 -17.89 4.10
C ASP A 30 -11.98 -16.94 2.88
N ILE A 31 -10.84 -16.75 2.22
CA ILE A 31 -10.80 -15.92 1.02
C ILE A 31 -11.64 -16.58 -0.08
N SER A 32 -11.56 -17.91 -0.14
CA SER A 32 -12.40 -18.69 -1.06
C SER A 32 -13.88 -18.37 -0.90
N HIS A 33 -14.36 -18.48 0.33
CA HIS A 33 -15.78 -18.28 0.58
C HIS A 33 -16.20 -16.82 0.38
N PHE A 34 -15.29 -15.90 0.67
CA PHE A 34 -15.53 -14.47 0.45
C PHE A 34 -15.73 -14.16 -1.03
N LEU A 35 -14.93 -14.79 -1.89
CA LEU A 35 -14.93 -14.44 -3.31
C LEU A 35 -15.93 -15.27 -4.12
N LYS A 36 -16.61 -16.22 -3.48
CA LYS A 36 -17.57 -17.05 -4.20
C LYS A 36 -18.92 -16.35 -4.33
N GLU A 37 -19.15 -15.32 -3.52
CA GLU A 37 -20.42 -14.59 -3.57
C GLU A 37 -20.56 -13.91 -4.92
N LYS A 38 -21.77 -13.69 -5.38
CA LYS A 38 -22.03 -13.13 -6.70
C LYS A 38 -21.35 -11.78 -6.83
N GLY A 39 -20.83 -11.52 -8.01
CA GLY A 39 -20.09 -10.29 -8.22
C GLY A 39 -18.64 -10.47 -7.80
N GLY A 40 -18.31 -11.66 -7.30
CA GLY A 40 -16.96 -11.96 -6.90
C GLY A 40 -16.16 -12.62 -8.01
N LEU A 41 -15.40 -13.63 -7.67
CA LEU A 41 -14.55 -14.30 -8.60
C LEU A 41 -15.29 -15.35 -9.44
N GLU A 42 -16.37 -15.84 -8.90
CA GLU A 42 -17.07 -16.97 -9.47
C GLU A 42 -17.53 -16.75 -10.90
N GLY A 43 -17.09 -17.62 -11.78
CA GLY A 43 -17.53 -17.58 -13.14
C GLY A 43 -16.75 -16.64 -14.05
N LEU A 44 -15.80 -15.90 -13.50
CA LEU A 44 -14.98 -15.05 -14.31
C LEU A 44 -14.03 -15.86 -15.18
N ILE A 45 -13.88 -15.50 -16.43
CA ILE A 45 -12.91 -16.10 -17.29
C ILE A 45 -11.50 -15.82 -16.85
N TRP A 46 -10.69 -16.84 -16.81
CA TRP A 46 -9.34 -16.72 -16.34
C TRP A 46 -8.43 -16.07 -17.32
N SER A 47 -7.53 -15.26 -16.84
CA SER A 47 -6.38 -14.81 -17.62
C SER A 47 -5.26 -14.51 -16.65
N GLN A 48 -4.03 -14.50 -17.16
CA GLN A 48 -2.86 -14.21 -16.33
C GLN A 48 -3.00 -12.83 -15.67
N ARG A 49 -3.43 -11.85 -16.46
CA ARG A 49 -3.56 -10.49 -15.97
C ARG A 49 -4.61 -10.38 -14.87
N ARG A 50 -5.74 -11.04 -15.07
CA ARG A 50 -6.81 -11.03 -14.06
C ARG A 50 -6.35 -11.70 -12.78
N GLN A 51 -5.61 -12.78 -12.90
CA GLN A 51 -5.13 -13.46 -11.72
C GLN A 51 -4.10 -12.61 -10.97
N GLU A 52 -3.25 -11.92 -11.71
CA GLU A 52 -2.22 -11.11 -11.07
C GLU A 52 -2.85 -9.91 -10.36
N ILE A 53 -3.90 -9.36 -10.96
CA ILE A 53 -4.60 -8.23 -10.34
C ILE A 53 -5.23 -8.68 -9.01
N LEU A 54 -5.92 -9.81 -9.04
CA LEU A 54 -6.48 -10.41 -7.83
C LEU A 54 -5.43 -10.67 -6.76
N ASP A 55 -4.32 -11.28 -7.15
CA ASP A 55 -3.24 -11.56 -6.19
C ASP A 55 -2.67 -10.29 -5.58
N LEU A 56 -2.58 -9.21 -6.36
CA LEU A 56 -2.06 -7.96 -5.83
C LEU A 56 -3.05 -7.38 -4.83
N TRP A 57 -4.33 -7.45 -5.14
CA TRP A 57 -5.34 -6.93 -4.25
C TRP A 57 -5.32 -7.66 -2.91
N ILE A 58 -5.23 -8.99 -2.97
CA ILE A 58 -5.13 -9.81 -1.76
C ILE A 58 -3.88 -9.47 -0.95
N TYR A 59 -2.75 -9.32 -1.64
CA TYR A 59 -1.51 -8.95 -0.97
C TYR A 59 -1.63 -7.59 -0.28
N HIS A 60 -2.08 -6.59 -1.03
CA HIS A 60 -2.19 -5.24 -0.50
C HIS A 60 -3.10 -5.19 0.72
N THR A 61 -4.29 -5.77 0.61
CA THR A 61 -5.31 -5.58 1.64
C THR A 61 -5.24 -6.62 2.75
N GLN A 62 -4.62 -7.78 2.48
CA GLN A 62 -4.67 -8.86 3.46
C GLN A 62 -3.28 -9.39 3.86
N GLY A 63 -2.25 -9.08 3.07
CA GLY A 63 -0.88 -9.33 3.50
C GLY A 63 -0.21 -10.61 3.06
N TYR A 64 -0.87 -11.38 2.21
CA TYR A 64 -0.32 -12.64 1.73
C TYR A 64 0.51 -12.45 0.47
N PHE A 65 1.79 -12.78 0.55
CA PHE A 65 2.68 -12.71 -0.62
C PHE A 65 2.06 -13.48 -1.77
N PRO A 66 2.05 -12.88 -2.97
CA PRO A 66 1.31 -13.42 -4.13
C PRO A 66 2.02 -14.53 -4.91
N ASP A 67 2.32 -15.64 -4.25
CA ASP A 67 2.82 -16.81 -4.95
C ASP A 67 2.10 -18.09 -4.52
N TRP A 68 0.88 -17.95 -4.01
CA TRP A 68 0.13 -19.06 -3.46
C TRP A 68 -0.91 -19.59 -4.42
N GLN A 69 -1.34 -18.76 -5.37
CA GLN A 69 -2.42 -19.15 -6.26
C GLN A 69 -1.93 -19.82 -7.52
N ASN A 70 -1.45 -21.05 -7.37
CA ASN A 70 -1.00 -21.82 -8.51
C ASN A 70 -1.92 -23.01 -8.78
N TYR A 71 -1.98 -23.47 -10.02
CA TYR A 71 -2.88 -24.52 -10.39
C TYR A 71 -2.15 -25.62 -11.13
N THR A 72 -2.70 -26.82 -11.13
CA THR A 72 -2.12 -27.91 -11.88
C THR A 72 -2.12 -27.63 -13.38
N PRO A 73 -1.20 -28.20 -14.11
CA PRO A 73 -1.11 -27.97 -15.55
C PRO A 73 -2.28 -28.57 -16.30
N GLY A 74 -2.53 -28.00 -17.44
CA GLY A 74 -3.59 -28.48 -18.28
C GLY A 74 -3.18 -29.80 -18.95
N PRO A 75 -4.04 -30.43 -19.88
CA PRO A 75 -5.24 -29.70 -20.25
C PRO A 75 -6.39 -30.10 -19.39
N GLY A 76 -7.54 -29.45 -19.51
CA GLY A 76 -8.69 -29.75 -18.71
C GLY A 76 -8.81 -28.98 -17.41
N ILE A 77 -9.42 -29.57 -16.42
CA ILE A 77 -9.55 -28.93 -15.15
C ILE A 77 -8.22 -28.73 -14.49
N ARG A 78 -7.96 -27.48 -14.14
CA ARG A 78 -6.84 -27.16 -13.23
CA ARG A 78 -6.81 -27.11 -13.28
C ARG A 78 -7.16 -26.79 -11.67
N TYR A 79 -6.52 -27.70 -10.92
CA TYR A 79 -6.77 -27.79 -9.50
C TYR A 79 -5.77 -26.96 -8.73
N PRO A 80 -6.32 -26.41 -7.59
CA PRO A 80 -5.39 -25.54 -6.86
C PRO A 80 -4.31 -26.27 -6.10
N LEU A 81 -3.08 -25.84 -6.20
CA LEU A 81 -2.02 -26.42 -5.43
C LEU A 81 -2.08 -26.17 -3.92
N THR A 82 -2.56 -24.99 -3.55
CA THR A 82 -2.69 -24.59 -2.16
C THR A 82 -3.96 -25.15 -1.55
N PHE A 83 -3.80 -26.14 -0.67
CA PHE A 83 -4.94 -26.77 0.00
C PHE A 83 -5.66 -25.70 0.81
N GLY A 84 -6.98 -25.60 0.63
CA GLY A 84 -7.75 -24.57 1.29
C GLY A 84 -8.33 -23.56 0.31
N TRP A 85 -7.62 -23.34 -0.80
CA TRP A 85 -8.12 -22.49 -1.87
C TRP A 85 -9.15 -23.32 -2.65
N CYS A 86 -10.41 -22.90 -2.60
CA CYS A 86 -11.49 -23.74 -3.13
C CYS A 86 -11.96 -23.32 -4.51
N PHE A 87 -11.08 -22.73 -5.30
CA PHE A 87 -11.39 -22.47 -6.70
C PHE A 87 -10.55 -23.37 -7.58
N LYS A 88 -11.18 -23.85 -8.65
CA LYS A 88 -10.48 -24.56 -9.70
C LYS A 88 -10.77 -23.83 -11.01
N LEU A 89 -9.97 -24.10 -12.03
CA LEU A 89 -10.21 -23.54 -13.35
C LEU A 89 -10.80 -24.61 -14.26
N VAL A 90 -12.00 -24.38 -14.78
CA VAL A 90 -12.66 -25.39 -15.57
C VAL A 90 -13.01 -24.88 -16.96
N PRO A 91 -13.10 -25.80 -17.94
CA PRO A 91 -13.55 -25.42 -19.28
C PRO A 91 -14.88 -24.68 -19.21
N VAL A 92 -14.99 -23.58 -19.95
CA VAL A 92 -16.19 -22.74 -19.90
C VAL A 92 -17.38 -23.48 -20.49
N GLU A 93 -18.57 -23.24 -19.94
CA GLU A 93 -19.80 -23.75 -20.51
C GLU A 93 -20.83 -22.64 -20.59
N PRO A 94 -21.78 -22.76 -21.49
CA PRO A 94 -22.78 -21.72 -21.64
C PRO A 94 -23.84 -21.73 -20.57
N GLU A 95 -24.45 -20.59 -20.36
CA GLU A 95 -25.51 -20.49 -19.39
C GLU A 95 -26.70 -21.20 -19.93
N LYS A 96 -27.01 -20.94 -21.18
CA LYS A 96 -28.15 -21.55 -21.82
C LYS A 96 -27.77 -22.92 -22.27
N VAL A 97 -28.42 -23.91 -21.69
CA VAL A 97 -28.14 -25.29 -21.99
C VAL A 97 -28.63 -25.63 -23.38
N GLU A 98 -27.80 -26.29 -24.17
CA GLU A 98 -28.21 -26.69 -25.51
C GLU A 98 -29.04 -27.96 -25.47
N GLU A 99 -30.08 -28.00 -26.29
CA GLU A 99 -30.97 -29.16 -26.34
C GLU A 99 -30.35 -30.34 -27.06
N ALA A 100 -30.92 -31.51 -26.84
CA ALA A 100 -30.46 -32.69 -27.53
C ALA A 100 -30.59 -32.46 -29.00
N ASN A 101 -29.97 -33.34 -29.75
CA ASN A 101 -29.96 -33.26 -31.20
C ASN A 101 -28.95 -34.26 -31.69
N GLU A 123 -7.58 -22.93 -24.85
CA GLU A 123 -8.66 -23.44 -24.01
C GLU A 123 -9.14 -22.36 -23.04
N VAL A 124 -10.42 -22.05 -23.07
CA VAL A 124 -10.98 -21.05 -22.23
C VAL A 124 -11.46 -21.59 -20.88
N LEU A 125 -10.94 -21.01 -19.81
CA LEU A 125 -11.21 -21.46 -18.46
C LEU A 125 -11.91 -20.40 -17.63
N VAL A 126 -12.78 -20.84 -16.76
CA VAL A 126 -13.39 -19.99 -15.79
C VAL A 126 -13.08 -20.46 -14.36
N TRP A 127 -13.03 -19.52 -13.47
CA TRP A 127 -12.88 -19.80 -12.10
C TRP A 127 -14.17 -20.41 -11.62
N ARG A 128 -14.08 -21.46 -10.84
CA ARG A 128 -15.23 -22.14 -10.32
C ARG A 128 -15.01 -22.58 -8.89
N PHE A 129 -15.85 -22.10 -8.00
CA PHE A 129 -15.82 -22.48 -6.62
C PHE A 129 -16.31 -23.91 -6.44
N ASP A 130 -15.61 -24.67 -5.61
CA ASP A 130 -16.03 -26.01 -5.30
C ASP A 130 -15.77 -26.32 -3.86
N SER A 131 -16.82 -26.35 -3.08
CA SER A 131 -16.75 -26.55 -1.65
C SER A 131 -16.00 -27.82 -1.22
N LYS A 132 -16.05 -28.86 -2.02
CA LYS A 132 -15.39 -30.10 -1.70
C LYS A 132 -13.88 -30.00 -1.63
N LEU A 133 -13.33 -28.97 -2.26
CA LEU A 133 -11.90 -28.76 -2.28
C LEU A 133 -11.36 -28.40 -0.92
N ALA A 134 -12.25 -28.04 -0.02
CA ALA A 134 -11.88 -27.77 1.36
C ALA A 134 -11.39 -29.03 2.06
N PHE A 135 -11.82 -30.19 1.56
CA PHE A 135 -11.56 -31.46 2.24
C PHE A 135 -10.74 -32.44 1.39
N HIS A 136 -10.68 -32.22 0.10
CA HIS A 136 -10.01 -33.11 -0.81
C HIS A 136 -8.90 -32.36 -1.54
N HIS A 137 -7.66 -32.75 -1.30
CA HIS A 137 -6.52 -32.10 -1.90
C HIS A 137 -6.22 -32.71 -3.27
N MET A 138 -7.05 -32.35 -4.23
CA MET A 138 -6.98 -32.93 -5.52
C MET A 138 -5.64 -32.84 -6.21
N ALA A 139 -5.03 -31.68 -6.16
CA ALA A 139 -3.77 -31.47 -6.81
C ALA A 139 -2.70 -32.44 -6.35
N ARG A 140 -2.70 -32.72 -5.08
CA ARG A 140 -1.67 -33.60 -4.52
CA ARG A 140 -1.68 -33.60 -4.51
C ARG A 140 -1.93 -35.05 -4.89
N GLU A 141 -3.21 -35.40 -5.02
CA GLU A 141 -3.56 -36.74 -5.46
C GLU A 141 -3.12 -36.91 -6.92
N LEU A 142 -3.28 -35.86 -7.72
CA LEU A 142 -2.89 -35.91 -9.12
C LEU A 142 -1.38 -35.73 -9.34
N HIS A 143 -0.76 -34.85 -8.56
CA HIS A 143 0.67 -34.58 -8.72
C HIS A 143 1.42 -34.60 -7.40
N PRO A 144 1.61 -35.79 -6.82
CA PRO A 144 2.28 -35.93 -5.52
C PRO A 144 3.71 -35.40 -5.52
N GLU A 145 4.31 -35.31 -6.69
CA GLU A 145 5.67 -34.89 -6.79
C GLU A 145 5.85 -33.44 -6.51
N TYR A 146 4.78 -32.67 -6.50
CA TYR A 146 4.89 -31.28 -6.22
C TYR A 146 5.06 -31.08 -4.75
N TYR A 147 4.71 -32.09 -3.96
CA TYR A 147 4.70 -31.93 -2.54
C TYR A 147 5.75 -32.75 -1.86
N LYS A 148 6.44 -32.16 -0.90
CA LYS A 148 7.41 -32.88 -0.09
C LYS A 148 7.78 -32.13 1.18
N ASP B 10 -4.62 -0.81 30.03
CA ASP B 10 -5.37 -0.96 28.79
C ASP B 10 -4.79 -0.06 27.72
N ILE B 11 -4.40 -0.67 26.62
CA ILE B 11 -3.92 0.10 25.52
C ILE B 11 -5.04 0.32 24.54
N ILE B 12 -5.49 1.54 24.45
CA ILE B 12 -6.54 1.94 23.56
C ILE B 12 -5.95 2.51 22.28
N VAL B 13 -6.38 2.01 21.15
CA VAL B 13 -5.95 2.55 19.90
C VAL B 13 -7.13 2.96 19.07
N VAL B 14 -6.89 3.75 18.06
CA VAL B 14 -7.92 4.22 17.17
C VAL B 14 -7.55 3.96 15.71
N ALA B 15 -8.52 3.57 14.92
CA ALA B 15 -8.28 3.25 13.54
C ALA B 15 -8.08 4.48 12.71
N LEU B 16 -7.07 4.44 11.87
CA LEU B 16 -6.74 5.50 10.96
C LEU B 16 -7.33 5.30 9.59
N TYR B 17 -7.68 4.07 9.31
CA TYR B 17 -8.34 3.70 8.05
C TYR B 17 -9.43 2.67 8.29
N ASP B 18 -10.26 2.43 7.27
CA ASP B 18 -11.17 1.29 7.30
C ASP B 18 -10.41 0.01 7.03
N TYR B 19 -10.86 -1.09 7.66
CA TYR B 19 -10.30 -2.41 7.38
C TYR B 19 -11.43 -3.44 7.28
N GLU B 20 -11.48 -4.16 6.18
CA GLU B 20 -12.49 -5.20 5.98
C GLU B 20 -11.87 -6.58 6.16
N ALA B 21 -12.22 -7.24 7.25
CA ALA B 21 -11.70 -8.57 7.54
C ALA B 21 -12.32 -9.60 6.62
N ILE B 22 -11.50 -10.52 6.12
CA ILE B 22 -11.98 -11.64 5.33
C ILE B 22 -11.81 -12.91 6.15
N HIS B 23 -10.66 -13.01 6.81
CA HIS B 23 -10.33 -14.11 7.71
C HIS B 23 -11.29 -14.08 8.90
N HIS B 24 -11.83 -15.23 9.27
CA HIS B 24 -12.82 -15.26 10.35
C HIS B 24 -12.19 -14.89 11.70
N GLU B 25 -10.87 -14.93 11.78
CA GLU B 25 -10.19 -14.57 13.02
C GLU B 25 -9.72 -13.10 13.03
N ASP B 26 -9.92 -12.41 11.91
CA ASP B 26 -9.56 -10.99 11.84
C ASP B 26 -10.73 -10.13 12.33
N LEU B 27 -10.48 -8.87 12.62
CA LEU B 27 -11.50 -7.94 13.06
C LEU B 27 -11.67 -6.72 12.15
N SER B 28 -12.85 -6.57 11.54
CA SER B 28 -13.13 -5.40 10.75
C SER B 28 -13.29 -4.16 11.61
N PHE B 29 -12.97 -3.03 11.04
CA PHE B 29 -13.22 -1.79 11.71
C PHE B 29 -13.30 -0.67 10.73
N GLN B 30 -13.94 0.37 11.16
CA GLN B 30 -13.94 1.68 10.38
CA GLN B 30 -13.74 1.71 10.40
C GLN B 30 -13.00 2.88 10.88
N LYS B 31 -12.63 3.85 10.12
CA LYS B 31 -11.85 4.94 10.58
C LYS B 31 -12.54 5.54 11.78
N GLY B 32 -11.80 5.69 12.85
CA GLY B 32 -12.34 6.28 14.04
C GLY B 32 -12.69 5.32 15.12
N ASP B 33 -12.89 4.06 14.78
CA ASP B 33 -13.20 3.08 15.79
C ASP B 33 -12.08 2.98 16.80
N GLN B 34 -12.45 2.82 18.06
CA GLN B 34 -11.51 2.58 19.13
C GLN B 34 -11.47 1.14 19.51
N MET B 35 -10.31 0.67 19.85
CA MET B 35 -10.11 -0.69 20.22
C MET B 35 -9.14 -0.85 21.36
N VAL B 36 -9.29 -1.93 22.08
CA VAL B 36 -8.30 -2.29 23.10
C VAL B 36 -7.37 -3.35 22.54
N VAL B 37 -6.07 -3.13 22.67
CA VAL B 37 -5.11 -4.13 22.20
C VAL B 37 -4.98 -5.22 23.25
N LEU B 38 -5.25 -6.44 22.87
CA LEU B 38 -5.17 -7.57 23.77
C LEU B 38 -3.85 -8.33 23.73
N GLU B 39 -3.24 -8.44 22.57
CA GLU B 39 -1.94 -9.04 22.41
C GLU B 39 -1.17 -8.34 21.28
N GLU B 40 0.05 -7.98 21.56
CA GLU B 40 0.77 -7.06 20.75
C GLU B 40 1.96 -7.81 20.26
N SER B 41 1.72 -8.87 19.54
CA SER B 41 2.75 -9.74 19.06
C SER B 41 2.91 -9.59 17.55
N GLY B 42 4.12 -9.31 17.10
CA GLY B 42 4.36 -9.12 15.69
C GLY B 42 3.60 -7.93 15.19
N GLU B 43 3.04 -8.01 14.02
CA GLU B 43 2.41 -6.89 13.36
C GLU B 43 0.88 -7.03 13.20
N TRP B 44 0.38 -8.20 13.49
CA TRP B 44 -1.04 -8.44 13.49
C TRP B 44 -1.48 -8.65 14.94
N TRP B 45 -2.03 -7.62 15.50
CA TRP B 45 -2.36 -7.56 16.89
C TRP B 45 -3.76 -8.07 17.22
N LYS B 46 -3.96 -8.70 18.36
CA LYS B 46 -5.27 -9.16 18.72
C LYS B 46 -5.91 -8.02 19.45
N ALA B 47 -7.10 -7.65 19.05
CA ALA B 47 -7.78 -6.47 19.60
C ALA B 47 -9.26 -6.70 19.84
N ARG B 48 -9.87 -5.82 20.64
CA ARG B 48 -11.30 -5.86 20.86
C ARG B 48 -11.93 -4.50 20.56
N SER B 49 -12.99 -4.51 19.77
CA SER B 49 -13.73 -3.28 19.51
C SER B 49 -14.44 -2.81 20.77
N LEU B 50 -14.25 -1.56 21.15
CA LEU B 50 -14.95 -1.02 22.31
C LEU B 50 -16.45 -0.88 22.04
N ALA B 51 -16.80 -0.71 20.78
CA ALA B 51 -18.20 -0.50 20.41
C ALA B 51 -19.00 -1.80 20.34
N THR B 52 -18.42 -2.84 19.75
CA THR B 52 -19.15 -4.09 19.52
C THR B 52 -18.68 -5.26 20.37
N ARG B 53 -17.53 -5.09 21.03
CA ARG B 53 -16.88 -6.13 21.83
CA ARG B 53 -16.91 -6.14 21.84
C ARG B 53 -16.50 -7.37 21.01
N LYS B 54 -16.54 -7.23 19.69
CA LYS B 54 -16.03 -8.28 18.82
C LYS B 54 -14.51 -8.29 18.94
N GLU B 55 -13.90 -9.46 18.83
CA GLU B 55 -12.45 -9.58 18.96
C GLU B 55 -11.83 -10.20 17.74
N GLY B 56 -10.57 -9.86 17.46
CA GLY B 56 -9.87 -10.45 16.33
C GLY B 56 -8.56 -9.74 16.00
N TYR B 57 -7.87 -10.26 14.99
CA TYR B 57 -6.58 -9.69 14.61
C TYR B 57 -6.74 -8.47 13.70
N ILE B 58 -5.84 -7.51 13.87
CA ILE B 58 -5.87 -6.26 13.12
C ILE B 58 -4.47 -5.91 12.60
N PRO B 59 -4.40 -5.22 11.45
CA PRO B 59 -3.10 -4.76 10.95
C PRO B 59 -2.63 -3.57 11.78
N SER B 60 -1.49 -3.71 12.44
CA SER B 60 -1.10 -2.74 13.46
C SER B 60 -0.78 -1.36 12.88
N ASN B 61 -0.43 -1.31 11.60
CA ASN B 61 -0.12 -0.01 11.00
C ASN B 61 -1.40 0.77 10.67
N TYR B 62 -2.56 0.16 10.90
CA TYR B 62 -3.84 0.84 10.64
C TYR B 62 -4.35 1.60 11.86
N VAL B 63 -3.66 1.50 12.98
CA VAL B 63 -4.13 2.13 14.20
C VAL B 63 -3.05 2.94 14.90
N ALA B 64 -3.47 3.80 15.83
CA ALA B 64 -2.53 4.54 16.63
C ALA B 64 -3.06 4.72 18.03
N ARG B 65 -2.17 4.79 18.98
CA ARG B 65 -2.50 5.06 20.37
C ARG B 65 -3.30 6.31 20.52
N VAL B 66 -4.28 6.29 21.40
CA VAL B 66 -5.03 7.51 21.64
C VAL B 66 -4.09 8.56 22.21
N ASP B 67 -4.34 9.83 21.88
CA ASP B 67 -3.53 10.97 22.31
C ASP B 67 -2.13 11.00 21.68
N SER B 68 -1.87 10.12 20.72
CA SER B 68 -0.60 10.14 20.00
C SER B 68 -0.67 11.09 18.81
N LEU B 69 0.45 11.24 18.11
CA LEU B 69 0.57 12.18 16.99
C LEU B 69 -0.51 12.02 15.93
N GLU B 70 -0.65 10.80 15.41
CA GLU B 70 -1.56 10.54 14.31
C GLU B 70 -3.03 10.69 14.70
N THR B 71 -3.28 10.82 16.00
CA THR B 71 -4.64 11.02 16.48
C THR B 71 -4.89 12.47 16.90
N GLU B 72 -3.90 13.33 16.69
CA GLU B 72 -4.08 14.75 16.96
C GLU B 72 -5.13 15.33 16.03
N GLU B 73 -5.96 16.24 16.54
CA GLU B 73 -7.06 16.81 15.79
C GLU B 73 -6.59 17.54 14.54
N TRP B 74 -5.37 18.05 14.57
CA TRP B 74 -4.82 18.78 13.43
C TRP B 74 -4.09 17.91 12.42
N PHE B 75 -3.90 16.65 12.74
CA PHE B 75 -3.13 15.78 11.89
C PHE B 75 -4.04 14.99 10.98
N PHE B 76 -3.77 15.07 9.70
CA PHE B 76 -4.54 14.38 8.70
C PHE B 76 -3.69 13.37 7.93
N LYS B 77 -3.73 12.14 8.41
CA LYS B 77 -2.94 11.07 7.86
C LYS B 77 -3.20 10.93 6.40
N GLY B 78 -2.15 11.04 5.62
CA GLY B 78 -2.13 10.67 4.22
C GLY B 78 -2.95 11.54 3.28
N ILE B 79 -3.36 12.71 3.74
CA ILE B 79 -4.11 13.63 2.90
C ILE B 79 -3.17 14.33 1.92
N SER B 80 -3.56 14.39 0.66
CA SER B 80 -2.72 15.00 -0.37
C SER B 80 -2.81 16.52 -0.37
N ARG B 81 -1.94 17.16 -1.14
CA ARG B 81 -1.91 18.61 -1.27
C ARG B 81 -3.22 19.16 -1.82
N LYS B 82 -3.70 18.54 -2.90
CA LYS B 82 -4.93 18.99 -3.54
C LYS B 82 -6.15 18.81 -2.66
N ASP B 83 -6.25 17.66 -1.99
CA ASP B 83 -7.36 17.40 -1.07
C ASP B 83 -7.28 18.32 0.13
N ALA B 84 -6.05 18.66 0.52
CA ALA B 84 -5.84 19.60 1.62
C ALA B 84 -6.43 20.97 1.28
N GLU B 85 -6.15 21.44 0.06
CA GLU B 85 -6.69 22.72 -0.40
C GLU B 85 -8.21 22.68 -0.43
N ARG B 86 -8.77 21.60 -0.97
CA ARG B 86 -10.21 21.44 -1.07
C ARG B 86 -10.87 21.50 0.31
N GLN B 87 -10.36 20.71 1.24
CA GLN B 87 -10.93 20.66 2.59
C GLN B 87 -10.82 21.99 3.33
N LEU B 88 -9.72 22.70 3.14
CA LEU B 88 -9.51 23.94 3.85
C LEU B 88 -10.29 25.10 3.28
N LEU B 89 -10.64 25.02 2.03
CA LEU B 89 -11.36 26.09 1.37
C LEU B 89 -12.86 25.90 1.54
N ALA B 90 -13.24 24.77 2.10
CA ALA B 90 -14.63 24.45 2.31
C ALA B 90 -15.19 25.39 3.35
N PRO B 91 -16.58 25.60 3.29
CA PRO B 91 -17.08 26.44 4.38
C PRO B 91 -17.00 25.77 5.73
N GLY B 92 -16.90 26.59 6.75
CA GLY B 92 -16.74 26.16 8.11
C GLY B 92 -15.41 26.59 8.68
N ASN B 93 -14.44 26.65 7.78
CA ASN B 93 -13.08 26.98 8.13
C ASN B 93 -12.82 28.46 8.06
N MET B 94 -11.80 28.91 8.77
CA MET B 94 -11.49 30.29 8.86
C MET B 94 -10.03 30.58 8.54
N LEU B 95 -9.70 31.84 8.68
CA LEU B 95 -8.38 32.33 8.38
C LEU B 95 -7.47 31.62 9.33
N GLY B 96 -6.37 31.09 8.83
CA GLY B 96 -5.45 30.38 9.68
C GLY B 96 -5.79 28.93 9.96
N SER B 97 -6.93 28.47 9.46
CA SER B 97 -7.26 27.07 9.59
C SER B 97 -6.18 26.23 8.93
N PHE B 98 -5.86 25.11 9.55
CA PHE B 98 -4.68 24.39 9.16
C PHE B 98 -4.73 22.91 9.34
N MET B 99 -3.77 22.24 8.76
CA MET B 99 -3.58 20.81 8.97
C MET B 99 -2.12 20.45 8.76
N ILE B 100 -1.66 19.44 9.49
CA ILE B 100 -0.39 18.81 9.19
C ILE B 100 -0.68 17.45 8.56
N ARG B 101 -0.10 17.21 7.42
CA ARG B 101 -0.36 15.98 6.68
C ARG B 101 0.93 15.22 6.36
N ASP B 102 0.85 13.91 6.17
CA ASP B 102 2.02 13.13 5.72
C ASP B 102 1.69 12.31 4.50
N SER B 103 2.71 11.79 3.81
CA SER B 103 2.51 11.03 2.58
C SER B 103 2.63 9.54 2.77
N GLU B 104 1.90 8.78 1.96
CA GLU B 104 1.99 7.35 2.02
C GLU B 104 3.34 6.88 1.54
N THR B 105 3.99 7.62 0.66
CA THR B 105 5.19 7.09 0.04
C THR B 105 6.55 7.43 0.63
N THR B 106 6.61 8.38 1.56
CA THR B 106 7.83 8.62 2.29
C THR B 106 7.53 8.76 3.74
N LYS B 107 8.26 8.03 4.56
CA LYS B 107 8.05 8.11 5.98
C LYS B 107 8.71 9.37 6.47
N GLY B 108 8.23 9.87 7.59
CA GLY B 108 8.81 11.05 8.18
C GLY B 108 8.79 12.31 7.35
N SER B 109 7.94 12.38 6.35
CA SER B 109 7.83 13.61 5.58
C SER B 109 6.49 14.29 5.84
N TYR B 110 6.55 15.52 6.30
CA TYR B 110 5.36 16.24 6.71
C TYR B 110 5.18 17.57 6.06
N SER B 111 3.95 18.05 6.03
CA SER B 111 3.63 19.31 5.38
C SER B 111 2.62 20.11 6.21
N LEU B 112 2.70 21.42 6.12
CA LEU B 112 1.77 22.31 6.80
C LEU B 112 0.95 23.13 5.80
N SER B 113 -0.36 22.95 5.84
CA SER B 113 -1.26 23.66 4.93
C SER B 113 -2.10 24.68 5.71
N VAL B 114 -2.12 25.93 5.24
CA VAL B 114 -2.74 27.02 5.99
C VAL B 114 -3.72 27.83 5.14
N ARG B 115 -4.92 28.04 5.68
CA ARG B 115 -5.91 28.88 5.03
C ARG B 115 -5.51 30.35 5.09
N ASP B 116 -5.41 30.98 3.92
CA ASP B 116 -4.90 32.35 3.83
C ASP B 116 -5.87 33.23 3.02
N TYR B 117 -5.73 34.54 3.16
CA TYR B 117 -6.50 35.48 2.36
C TYR B 117 -5.68 36.71 2.00
N ASP B 118 -5.86 37.21 0.78
CA ASP B 118 -5.22 38.43 0.32
C ASP B 118 -6.03 39.03 -0.83
N PRO B 119 -5.97 40.33 -1.03
CA PRO B 119 -6.81 40.99 -2.03
C PRO B 119 -6.43 40.66 -3.45
N ARG B 120 -5.29 40.04 -3.63
CA ARG B 120 -4.97 39.50 -4.94
CA ARG B 120 -4.90 39.48 -4.97
C ARG B 120 -5.62 38.17 -5.57
N GLN B 121 -5.44 37.25 -4.66
CA GLN B 121 -5.95 35.91 -4.96
C GLN B 121 -7.19 35.53 -4.17
N GLY B 122 -7.66 36.37 -3.29
CA GLY B 122 -8.80 36.03 -2.45
C GLY B 122 -8.45 34.93 -1.46
N ASP B 123 -9.35 33.98 -1.29
CA ASP B 123 -9.13 32.85 -0.39
C ASP B 123 -8.17 31.84 -1.02
N THR B 124 -7.06 31.57 -0.34
CA THR B 124 -6.08 30.59 -0.83
C THR B 124 -5.61 29.67 0.28
N VAL B 125 -4.85 28.65 -0.10
CA VAL B 125 -4.21 27.76 0.86
C VAL B 125 -2.72 27.65 0.57
N LYS B 126 -1.89 28.00 1.55
CA LYS B 126 -0.44 27.92 1.39
C LYS B 126 0.09 26.62 2.02
N HIS B 127 1.12 26.05 1.41
CA HIS B 127 1.72 24.82 1.92
C HIS B 127 3.18 25.03 2.28
N TYR B 128 3.59 24.50 3.42
CA TYR B 128 4.97 24.62 3.88
C TYR B 128 5.57 23.26 4.16
N LYS B 129 6.80 23.07 3.74
CA LYS B 129 7.50 21.84 3.99
C LYS B 129 8.04 21.78 5.41
N ILE B 130 7.69 20.74 6.14
CA ILE B 130 8.24 20.54 7.46
C ILE B 130 9.43 19.60 7.39
N ARG B 131 10.63 20.15 7.59
CA ARG B 131 11.85 19.38 7.44
C ARG B 131 12.30 18.76 8.76
N THR B 132 13.12 17.72 8.66
CA THR B 132 13.63 17.02 9.83
C THR B 132 15.13 17.26 9.97
N LEU B 133 15.58 17.50 11.20
CA LEU B 133 16.99 17.76 11.45
C LEU B 133 17.74 16.45 11.69
N ASP B 134 19.04 16.56 11.96
CA ASP B 134 19.86 15.39 12.25
C ASP B 134 19.41 14.75 13.57
N ASN B 135 19.10 15.59 14.55
CA ASN B 135 18.70 15.12 15.86
C ASN B 135 17.26 14.60 15.89
N GLY B 136 16.53 14.82 14.82
CA GLY B 136 15.15 14.40 14.73
C GLY B 136 14.18 15.54 14.98
N GLY B 137 14.74 16.73 15.20
CA GLY B 137 13.93 17.91 15.40
C GLY B 137 13.22 18.32 14.13
N PHE B 138 12.08 18.99 14.28
CA PHE B 138 11.34 19.49 13.13
C PHE B 138 11.50 21.01 13.01
N TYR B 139 11.39 21.51 11.78
CA TYR B 139 11.42 22.95 11.54
C TYR B 139 10.88 23.31 10.16
N ILE B 140 10.35 24.52 10.04
CA ILE B 140 9.95 25.06 8.74
C ILE B 140 11.02 26.07 8.31
N SER B 141 11.55 26.82 9.28
CA SER B 141 12.71 27.66 9.07
C SER B 141 13.72 27.43 10.19
N PRO B 142 15.03 27.48 9.86
CA PRO B 142 16.09 27.09 10.80
C PRO B 142 16.10 27.84 12.14
N ARG B 143 15.48 29.02 12.19
CA ARG B 143 15.52 29.82 13.41
C ARG B 143 14.61 29.25 14.50
N SER B 144 13.63 28.45 14.09
CA SER B 144 12.70 27.87 15.05
C SER B 144 12.60 26.36 14.87
N THR B 145 13.25 25.61 15.76
CA THR B 145 13.24 24.15 15.70
C THR B 145 12.52 23.57 16.91
N PHE B 146 11.95 22.38 16.74
CA PHE B 146 11.13 21.80 17.78
C PHE B 146 11.31 20.30 17.94
N SER B 147 11.13 19.85 19.17
CA SER B 147 11.21 18.46 19.54
C SER B 147 10.18 17.63 18.81
N THR B 148 8.99 18.17 18.73
CA THR B 148 7.81 17.49 18.28
C THR B 148 6.96 18.38 17.39
N LEU B 149 6.10 17.78 16.60
CA LEU B 149 5.19 18.51 15.77
C LEU B 149 4.19 19.31 16.57
N GLN B 150 3.81 18.82 17.72
CA GLN B 150 2.88 19.56 18.53
C GLN B 150 3.49 20.85 19.03
N GLU B 151 4.79 20.83 19.27
CA GLU B 151 5.49 22.04 19.69
C GLU B 151 5.57 23.02 18.54
N LEU B 152 5.74 22.49 17.33
CA LEU B 152 5.73 23.31 16.12
C LEU B 152 4.37 24.00 15.97
N VAL B 153 3.30 23.21 16.08
CA VAL B 153 1.94 23.74 15.99
C VAL B 153 1.70 24.84 17.01
N ASP B 154 2.05 24.58 18.27
CA ASP B 154 1.85 25.55 19.35
C ASP B 154 2.59 26.85 19.09
N HIS B 155 3.81 26.74 18.56
CA HIS B 155 4.62 27.91 18.24
C HIS B 155 3.91 28.82 17.25
N TYR B 156 3.48 28.25 16.12
CA TYR B 156 2.90 29.05 15.06
C TYR B 156 1.45 29.45 15.36
N LYS B 157 0.90 28.92 16.44
CA LYS B 157 -0.39 29.40 16.94
C LYS B 157 -0.21 30.71 17.71
N LYS B 158 0.98 30.91 18.26
CA LYS B 158 1.27 32.11 19.04
C LYS B 158 1.56 33.30 18.12
N GLY B 159 2.14 33.02 16.95
CA GLY B 159 2.46 34.06 15.98
C GLY B 159 2.82 33.44 14.65
N ASN B 160 2.61 34.20 13.57
CA ASN B 160 2.86 33.68 12.23
C ASN B 160 4.34 33.36 11.98
N ASP B 161 5.22 34.19 12.56
CA ASP B 161 6.66 33.97 12.50
C ASP B 161 7.14 33.63 11.08
N GLY B 162 6.69 34.39 10.10
CA GLY B 162 7.09 34.18 8.73
C GLY B 162 6.07 33.48 7.86
N LEU B 163 5.12 32.80 8.48
CA LEU B 163 4.06 32.14 7.72
C LEU B 163 3.09 33.18 7.18
N CYS B 164 2.26 32.75 6.22
CA CYS B 164 1.24 33.63 5.65
C CYS B 164 0.28 34.11 6.74
N GLN B 165 -0.09 33.20 7.64
CA GLN B 165 -1.04 33.50 8.71
C GLN B 165 -0.61 32.86 10.03
N LYS B 166 -1.12 33.41 11.12
CA LYS B 166 -1.05 32.74 12.41
C LYS B 166 -1.99 31.54 12.38
N LEU B 167 -1.55 30.40 12.91
CA LEU B 167 -2.40 29.24 12.94
C LEU B 167 -3.56 29.44 13.91
N SER B 168 -4.77 29.16 13.45
CA SER B 168 -5.95 29.29 14.29
C SER B 168 -6.44 27.94 14.80
N VAL B 169 -7.27 27.27 14.00
CA VAL B 169 -7.81 25.98 14.35
C VAL B 169 -7.66 24.91 13.28
N PRO B 170 -7.75 23.66 13.65
CA PRO B 170 -7.63 22.58 12.68
C PRO B 170 -8.70 22.62 11.62
N CYS B 171 -8.40 22.07 10.46
CA CYS B 171 -9.37 21.95 9.40
C CYS B 171 -10.58 21.14 9.83
N MET B 172 -11.67 21.25 9.08
CA MET B 172 -12.92 20.54 9.36
C MET B 172 -13.26 20.61 10.82
N GLY C 11 9.02 -9.74 -9.42
CA GLY C 11 9.36 -10.84 -8.52
C GLY C 11 9.21 -10.47 -7.05
N PHE C 12 10.33 -10.31 -6.37
CA PHE C 12 10.29 -9.91 -4.97
C PHE C 12 11.31 -8.80 -4.66
N PRO C 13 11.00 -7.94 -3.67
CA PRO C 13 9.71 -7.86 -2.98
C PRO C 13 8.61 -7.38 -3.93
N VAL C 14 7.35 -7.48 -3.54
CA VAL C 14 6.26 -6.99 -4.37
C VAL C 14 6.42 -5.48 -4.56
N ARG C 15 6.21 -5.00 -5.78
CA ARG C 15 6.35 -3.58 -6.04
C ARG C 15 5.35 -2.80 -5.18
N PRO C 16 5.82 -1.75 -4.50
CA PRO C 16 4.94 -1.09 -3.53
C PRO C 16 4.06 0.01 -4.13
N GLN C 17 3.28 0.66 -3.27
CA GLN C 17 2.49 1.84 -3.63
C GLN C 17 3.37 2.89 -4.31
N VAL C 18 2.96 3.33 -5.50
CA VAL C 18 3.67 4.41 -6.19
C VAL C 18 3.11 5.77 -5.76
N PRO C 19 3.87 6.86 -6.03
CA PRO C 19 3.38 8.16 -5.59
C PRO C 19 2.09 8.58 -6.28
N LEU C 20 1.27 9.35 -5.58
CA LEU C 20 0.01 9.85 -6.13
C LEU C 20 0.23 10.81 -7.30
N ARG C 21 -0.66 10.72 -8.29
CA ARG C 21 -0.70 11.69 -9.39
C ARG C 21 -2.14 11.82 -9.90
N PRO C 22 -2.51 13.01 -10.40
CA PRO C 22 -3.90 13.24 -10.80
C PRO C 22 -4.29 12.51 -12.08
N MET C 23 -5.56 12.13 -12.18
CA MET C 23 -6.07 11.54 -13.42
C MET C 23 -6.11 12.60 -14.51
N THR C 24 -5.78 12.19 -15.73
CA THR C 24 -5.84 13.06 -16.89
C THR C 24 -6.51 12.34 -18.04
N TYR C 25 -6.88 13.11 -19.06
CA TYR C 25 -7.41 12.52 -20.29
C TYR C 25 -6.41 11.51 -20.83
N LYS C 26 -5.15 11.92 -20.92
CA LYS C 26 -4.10 11.08 -21.49
C LYS C 26 -3.91 9.76 -20.72
N ALA C 27 -3.92 9.83 -19.40
CA ALA C 27 -3.78 8.64 -18.57
C ALA C 27 -4.96 7.70 -18.75
N ALA C 28 -6.18 8.25 -18.74
CA ALA C 28 -7.38 7.43 -18.89
C ALA C 28 -7.39 6.73 -20.24
N LEU C 29 -6.93 7.42 -21.27
CA LEU C 29 -6.89 6.85 -22.61
C LEU C 29 -5.91 5.69 -22.68
N ASP C 30 -4.73 5.88 -22.10
CA ASP C 30 -3.72 4.83 -22.15
C ASP C 30 -4.16 3.60 -21.34
N ILE C 31 -4.77 3.83 -20.18
CA ILE C 31 -5.24 2.71 -19.37
C ILE C 31 -6.38 1.98 -20.09
N SER C 32 -7.25 2.74 -20.75
CA SER C 32 -8.31 2.16 -21.59
C SER C 32 -7.78 1.18 -22.62
N HIS C 33 -6.80 1.62 -23.39
CA HIS C 33 -6.26 0.78 -24.46
C HIS C 33 -5.50 -0.40 -23.91
N PHE C 34 -4.92 -0.22 -22.73
CA PHE C 34 -4.21 -1.30 -22.05
C PHE C 34 -5.17 -2.41 -21.65
N LEU C 35 -6.32 -2.01 -21.10
CA LEU C 35 -7.27 -2.96 -20.54
C LEU C 35 -8.21 -3.57 -21.58
N LYS C 36 -8.22 -3.02 -22.78
CA LYS C 36 -9.09 -3.52 -23.85
C LYS C 36 -8.52 -4.78 -24.48
N GLU C 37 -7.21 -4.94 -24.37
CA GLU C 37 -6.51 -6.10 -24.93
C GLU C 37 -6.96 -7.40 -24.27
N LYS C 38 -6.89 -8.50 -25.02
CA LYS C 38 -7.39 -9.79 -24.56
C LYS C 38 -6.83 -10.14 -23.18
N GLY C 39 -7.71 -10.59 -22.29
CA GLY C 39 -7.32 -10.94 -20.94
C GLY C 39 -7.60 -9.81 -19.96
N GLY C 40 -8.06 -8.68 -20.49
CA GLY C 40 -8.29 -7.51 -19.66
C GLY C 40 -9.73 -7.36 -19.18
N LEU C 41 -10.29 -6.19 -19.42
CA LEU C 41 -11.57 -5.81 -18.83
C LEU C 41 -12.74 -6.07 -19.78
N GLU C 42 -12.46 -6.18 -21.07
CA GLU C 42 -13.51 -6.29 -22.08
C GLU C 42 -14.38 -7.54 -21.90
N GLY C 43 -15.69 -7.32 -21.82
CA GLY C 43 -16.63 -8.43 -21.78
C GLY C 43 -16.90 -8.99 -20.39
N LEU C 44 -16.27 -8.41 -19.37
CA LEU C 44 -16.50 -8.88 -18.01
C LEU C 44 -17.77 -8.26 -17.43
N ILE C 45 -18.51 -9.04 -16.67
CA ILE C 45 -19.71 -8.51 -16.01
C ILE C 45 -19.30 -7.60 -14.87
N TRP C 46 -19.88 -6.40 -14.83
CA TRP C 46 -19.55 -5.42 -13.81
C TRP C 46 -20.10 -5.80 -12.42
N SER C 47 -19.33 -5.51 -11.38
CA SER C 47 -19.83 -5.51 -10.03
C SER C 47 -19.08 -4.48 -9.22
N GLN C 48 -19.65 -4.04 -8.11
CA GLN C 48 -18.97 -3.10 -7.23
C GLN C 48 -17.62 -3.68 -6.77
N ARG C 49 -17.62 -4.96 -6.37
CA ARG C 49 -16.39 -5.61 -5.89
C ARG C 49 -15.32 -5.68 -6.97
N ARG C 50 -15.70 -6.10 -8.17
CA ARG C 50 -14.73 -6.15 -9.28
C ARG C 50 -14.20 -4.76 -9.61
N GLN C 51 -15.07 -3.75 -9.58
CA GLN C 51 -14.57 -2.42 -9.91
C GLN C 51 -13.60 -1.93 -8.83
N GLU C 52 -13.91 -2.20 -7.57
CA GLU C 52 -13.04 -1.78 -6.48
C GLU C 52 -11.68 -2.48 -6.55
N ILE C 53 -11.69 -3.76 -6.91
CA ILE C 53 -10.43 -4.50 -7.04
C ILE C 53 -9.58 -3.89 -8.15
N LEU C 54 -10.19 -3.64 -9.30
CA LEU C 54 -9.50 -2.96 -10.40
C LEU C 54 -8.95 -1.59 -10.00
N ASP C 55 -9.77 -0.80 -9.31
CA ASP C 55 -9.37 0.56 -8.96
C ASP C 55 -8.22 0.56 -7.95
N LEU C 56 -8.23 -0.39 -7.03
CA LEU C 56 -7.13 -0.54 -6.08
C LEU C 56 -5.84 -0.89 -6.81
N TRP C 57 -5.93 -1.79 -7.78
CA TRP C 57 -4.76 -2.20 -8.54
C TRP C 57 -4.18 -1.02 -9.32
N ILE C 58 -5.05 -0.23 -9.95
CA ILE C 58 -4.59 0.95 -10.68
C ILE C 58 -3.95 1.97 -9.71
N TYR C 59 -4.59 2.18 -8.58
CA TYR C 59 -4.04 3.10 -7.59
C TYR C 59 -2.67 2.64 -7.08
N HIS C 60 -2.57 1.37 -6.70
CA HIS C 60 -1.34 0.82 -6.13
C HIS C 60 -0.18 0.90 -7.12
N THR C 61 -0.42 0.44 -8.34
CA THR C 61 0.65 0.27 -9.32
C THR C 61 0.91 1.52 -10.15
N GLN C 62 -0.09 2.40 -10.28
CA GLN C 62 0.05 3.55 -11.18
C GLN C 62 -0.22 4.91 -10.52
N GLY C 63 -0.80 4.90 -9.32
CA GLY C 63 -0.89 6.09 -8.49
C GLY C 63 -2.09 7.00 -8.70
N TYR C 64 -3.09 6.55 -9.45
CA TYR C 64 -4.30 7.33 -9.66
C TYR C 64 -5.34 7.03 -8.59
N PHE C 65 -5.69 8.04 -7.80
CA PHE C 65 -6.68 7.90 -6.74
C PHE C 65 -7.98 7.37 -7.35
N PRO C 66 -8.61 6.39 -6.68
CA PRO C 66 -9.76 5.65 -7.23
C PRO C 66 -11.10 6.38 -7.11
N ASP C 67 -11.20 7.57 -7.70
CA ASP C 67 -12.47 8.28 -7.76
C ASP C 67 -12.75 8.81 -9.16
N TRP C 68 -12.18 8.14 -10.16
CA TRP C 68 -12.27 8.59 -11.54
C TRP C 68 -13.18 7.72 -12.40
N GLN C 69 -13.39 6.48 -11.98
CA GLN C 69 -14.17 5.56 -12.81
C GLN C 69 -15.64 5.56 -12.42
N ASN C 70 -16.31 6.68 -12.67
CA ASN C 70 -17.74 6.77 -12.43
C ASN C 70 -18.48 6.81 -13.76
N TYR C 71 -19.76 6.43 -13.72
CA TYR C 71 -20.58 6.37 -14.93
C TYR C 71 -21.91 7.06 -14.73
N THR C 72 -22.58 7.37 -15.84
CA THR C 72 -23.90 7.97 -15.80
C THR C 72 -24.89 6.97 -15.19
N PRO C 73 -25.96 7.49 -14.58
CA PRO C 73 -26.96 6.60 -13.94
C PRO C 73 -27.78 5.81 -14.96
N GLY C 74 -28.36 4.70 -14.50
CA GLY C 74 -29.26 3.93 -15.35
C GLY C 74 -30.58 4.64 -15.58
N PRO C 75 -31.48 4.03 -16.37
CA PRO C 75 -31.25 2.76 -17.05
C PRO C 75 -30.56 2.94 -18.40
N GLY C 76 -30.15 1.83 -19.01
CA GLY C 76 -29.52 1.88 -20.32
C GLY C 76 -28.02 1.86 -20.21
N ILE C 77 -27.34 2.22 -21.29
CA ILE C 77 -25.89 2.25 -21.30
C ILE C 77 -25.36 3.32 -20.33
N ARG C 78 -24.37 2.95 -19.54
CA ARG C 78 -23.74 3.87 -18.58
C ARG C 78 -22.44 4.41 -19.18
N TYR C 79 -22.37 5.72 -19.38
CA TYR C 79 -21.22 6.35 -20.01
C TYR C 79 -20.25 6.87 -18.98
N PRO C 80 -18.94 6.84 -19.29
CA PRO C 80 -17.91 7.21 -18.31
C PRO C 80 -17.89 8.71 -18.08
N LEU C 81 -17.84 9.13 -16.83
CA LEU C 81 -17.84 10.55 -16.52
C LEU C 81 -16.50 11.21 -16.84
N THR C 82 -15.44 10.41 -16.81
CA THR C 82 -14.08 10.90 -17.05
C THR C 82 -13.74 10.80 -18.54
N PHE C 83 -13.66 11.95 -19.20
CA PHE C 83 -13.30 12.00 -20.60
C PHE C 83 -11.93 11.37 -20.76
N GLY C 84 -11.82 10.40 -21.66
CA GLY C 84 -10.58 9.69 -21.86
C GLY C 84 -10.70 8.23 -21.46
N TRP C 85 -11.58 7.95 -20.50
CA TRP C 85 -11.87 6.57 -20.13
C TRP C 85 -12.81 6.01 -21.18
N CYS C 86 -12.36 4.99 -21.92
CA CYS C 86 -13.10 4.53 -23.09
C CYS C 86 -13.89 3.25 -22.86
N PHE C 87 -14.29 3.00 -21.62
CA PHE C 87 -15.22 1.90 -21.34
C PHE C 87 -16.58 2.45 -20.94
N LYS C 88 -17.62 1.75 -21.37
CA LYS C 88 -18.98 2.04 -20.99
C LYS C 88 -19.58 0.75 -20.44
N LEU C 89 -20.65 0.84 -19.67
CA LEU C 89 -21.29 -0.37 -19.13
C LEU C 89 -22.57 -0.60 -19.89
N VAL C 90 -22.67 -1.76 -20.53
CA VAL C 90 -23.78 -2.07 -21.41
C VAL C 90 -24.68 -3.14 -20.81
N PRO C 91 -25.99 -2.87 -20.72
CA PRO C 91 -26.90 -3.84 -20.13
C PRO C 91 -27.03 -5.07 -20.95
N VAL C 92 -27.05 -6.22 -20.30
CA VAL C 92 -27.32 -7.50 -20.92
C VAL C 92 -28.82 -7.73 -20.85
N GLU C 93 -29.44 -7.74 -22.00
CA GLU C 93 -30.87 -7.42 -22.09
C GLU C 93 -31.86 -8.29 -21.35
N PRO C 94 -31.58 -9.55 -21.16
CA PRO C 94 -32.52 -10.40 -20.46
C PRO C 94 -33.42 -9.64 -19.48
N LYS C 122 -32.32 -5.09 -10.76
CA LYS C 122 -31.37 -4.16 -11.35
C LYS C 122 -30.84 -4.78 -12.64
N GLU C 123 -30.18 -3.99 -13.46
CA GLU C 123 -29.64 -4.46 -14.73
C GLU C 123 -28.31 -5.20 -14.55
N VAL C 124 -28.08 -6.21 -15.40
CA VAL C 124 -26.77 -6.85 -15.50
C VAL C 124 -25.93 -6.07 -16.51
N LEU C 125 -24.74 -5.62 -16.09
CA LEU C 125 -23.94 -4.72 -16.91
C LEU C 125 -22.60 -5.34 -17.30
N VAL C 126 -22.16 -5.07 -18.53
CA VAL C 126 -20.88 -5.57 -19.02
C VAL C 126 -19.95 -4.43 -19.43
N TRP C 127 -18.69 -4.51 -19.03
CA TRP C 127 -17.68 -3.55 -19.50
C TRP C 127 -17.49 -3.69 -21.01
N ARG C 128 -17.62 -2.58 -21.73
CA ARG C 128 -17.36 -2.58 -23.17
C ARG C 128 -16.48 -1.40 -23.55
N PHE C 129 -15.39 -1.68 -24.25
CA PHE C 129 -14.54 -0.65 -24.82
C PHE C 129 -15.20 -0.04 -26.06
N ASP C 130 -15.13 1.29 -26.17
CA ASP C 130 -15.68 2.00 -27.32
C ASP C 130 -14.69 3.09 -27.71
N SER C 131 -14.01 2.90 -28.84
CA SER C 131 -12.96 3.81 -29.27
C SER C 131 -13.48 5.23 -29.51
N LYS C 132 -14.76 5.34 -29.82
CA LYS C 132 -15.39 6.64 -30.09
C LYS C 132 -15.43 7.54 -28.86
N LEU C 133 -15.31 6.94 -27.68
CA LEU C 133 -15.37 7.70 -26.43
C LEU C 133 -14.12 8.54 -26.20
N ALA C 134 -13.08 8.30 -26.99
CA ALA C 134 -11.87 9.12 -26.91
C ALA C 134 -12.13 10.51 -27.45
N PHE C 135 -13.18 10.65 -28.26
CA PHE C 135 -13.42 11.91 -28.96
C PHE C 135 -14.78 12.52 -28.64
N HIS C 136 -15.67 11.68 -28.11
CA HIS C 136 -17.04 12.09 -27.82
C HIS C 136 -17.34 11.89 -26.35
N HIS C 137 -17.51 13.00 -25.63
CA HIS C 137 -17.76 12.96 -24.20
C HIS C 137 -19.25 12.77 -23.97
N MET C 138 -19.71 11.55 -24.17
CA MET C 138 -21.14 11.25 -24.12
C MET C 138 -21.79 11.66 -22.79
N ALA C 139 -21.11 11.37 -21.68
CA ALA C 139 -21.65 11.65 -20.35
C ALA C 139 -21.98 13.12 -20.17
N ARG C 140 -21.14 13.98 -20.72
CA ARG C 140 -21.34 15.42 -20.61
CA ARG C 140 -21.32 15.42 -20.62
C ARG C 140 -22.50 15.86 -21.48
N GLU C 141 -22.66 15.23 -22.64
CA GLU C 141 -23.80 15.55 -23.50
C GLU C 141 -25.10 15.15 -22.82
N LEU C 142 -25.11 13.99 -22.17
CA LEU C 142 -26.31 13.52 -21.48
C LEU C 142 -26.56 14.29 -20.18
N HIS C 143 -25.49 14.63 -19.46
CA HIS C 143 -25.61 15.26 -18.15
C HIS C 143 -24.64 16.43 -17.99
N PRO C 144 -24.92 17.55 -18.68
CA PRO C 144 -24.02 18.71 -18.57
C PRO C 144 -23.97 19.27 -17.15
N GLU C 145 -24.99 19.00 -16.35
CA GLU C 145 -25.06 19.51 -14.98
C GLU C 145 -24.00 18.89 -14.06
N TYR C 146 -23.39 17.80 -14.51
CA TYR C 146 -22.30 17.18 -13.75
C TYR C 146 -21.00 17.96 -13.88
N TYR C 147 -20.94 18.88 -14.84
CA TYR C 147 -19.69 19.53 -15.21
C TYR C 147 -19.75 21.05 -15.13
N LYS C 148 -20.42 21.59 -14.12
CA LYS C 148 -20.42 23.05 -13.93
C LYS C 148 -19.23 23.51 -13.09
N ASP D 10 26.14 13.28 -13.50
CA ASP D 10 25.03 12.36 -13.76
C ASP D 10 24.65 11.57 -12.51
N ILE D 11 23.38 11.68 -12.11
CA ILE D 11 22.85 10.97 -10.96
C ILE D 11 22.32 9.64 -11.41
N ILE D 12 22.91 8.57 -10.93
CA ILE D 12 22.54 7.26 -11.33
C ILE D 12 21.76 6.60 -10.18
N VAL D 13 20.59 6.05 -10.50
CA VAL D 13 19.81 5.34 -9.52
C VAL D 13 19.66 3.92 -9.99
N VAL D 14 19.31 3.04 -9.09
CA VAL D 14 19.01 1.70 -9.46
C VAL D 14 17.67 1.24 -8.96
N ALA D 15 16.97 0.46 -9.76
CA ALA D 15 15.65 -0.02 -9.39
C ALA D 15 15.69 -1.11 -8.34
N LEU D 16 14.84 -0.93 -7.35
CA LEU D 16 14.62 -1.87 -6.29
C LEU D 16 13.46 -2.81 -6.57
N TYR D 17 12.60 -2.42 -7.46
CA TYR D 17 11.43 -3.21 -7.85
C TYR D 17 11.22 -3.15 -9.36
N ASP D 18 10.43 -4.07 -9.88
CA ASP D 18 9.96 -3.99 -11.27
C ASP D 18 8.88 -2.92 -11.41
N TYR D 19 8.84 -2.25 -12.56
CA TYR D 19 7.76 -1.31 -12.85
C TYR D 19 7.30 -1.46 -14.29
N GLU D 20 5.99 -1.64 -14.48
CA GLU D 20 5.43 -1.76 -15.82
C GLU D 20 4.70 -0.49 -16.19
N ALA D 21 5.24 0.24 -17.17
CA ALA D 21 4.61 1.46 -17.64
C ALA D 21 3.33 1.14 -18.40
N ILE D 22 2.28 1.94 -18.15
CA ILE D 22 1.06 1.89 -18.95
C ILE D 22 0.92 3.19 -19.71
N HIS D 23 1.08 4.30 -19.01
CA HIS D 23 1.12 5.63 -19.62
C HIS D 23 2.27 5.66 -20.64
N HIS D 24 2.00 6.18 -21.84
CA HIS D 24 3.02 6.14 -22.89
C HIS D 24 4.22 7.03 -22.58
N GLU D 25 4.10 7.88 -21.55
CA GLU D 25 5.20 8.76 -21.17
C GLU D 25 6.01 8.20 -20.00
N ASP D 26 5.55 7.08 -19.44
CA ASP D 26 6.29 6.43 -18.35
C ASP D 26 7.36 5.49 -18.88
N LEU D 27 8.29 5.12 -18.01
CA LEU D 27 9.39 4.24 -18.38
C LEU D 27 9.32 2.93 -17.60
N SER D 28 9.22 1.81 -18.31
CA SER D 28 9.25 0.51 -17.66
C SER D 28 10.66 0.14 -17.24
N PHE D 29 10.79 -0.63 -16.16
CA PHE D 29 12.10 -1.15 -15.77
C PHE D 29 12.00 -2.39 -14.90
N GLN D 30 13.11 -3.11 -14.81
CA GLN D 30 13.20 -4.30 -13.98
C GLN D 30 14.11 -4.02 -12.81
N LYS D 31 13.90 -4.72 -11.71
CA LYS D 31 14.77 -4.56 -10.56
C LYS D 31 16.23 -4.76 -10.96
N GLY D 32 17.10 -3.82 -10.54
CA GLY D 32 18.50 -3.91 -10.89
C GLY D 32 18.90 -3.02 -12.06
N ASP D 33 17.92 -2.57 -12.82
CA ASP D 33 18.19 -1.65 -13.93
C ASP D 33 18.74 -0.33 -13.39
N GLN D 34 19.79 0.17 -14.03
CA GLN D 34 20.31 1.49 -13.67
C GLN D 34 19.76 2.57 -14.61
N MET D 35 19.54 3.75 -14.05
CA MET D 35 18.91 4.83 -14.80
C MET D 35 19.54 6.17 -14.42
N VAL D 36 19.58 7.10 -15.37
CA VAL D 36 20.04 8.45 -15.06
C VAL D 36 18.82 9.35 -14.82
N VAL D 37 18.83 10.07 -13.71
CA VAL D 37 17.73 10.99 -13.42
C VAL D 37 17.86 12.25 -14.27
N LEU D 38 16.83 12.53 -15.07
CA LEU D 38 16.86 13.66 -15.98
C LEU D 38 16.15 14.89 -15.40
N GLU D 39 15.00 14.65 -14.78
CA GLU D 39 14.24 15.69 -14.12
C GLU D 39 13.73 15.14 -12.79
N GLU D 40 13.77 15.95 -11.75
CA GLU D 40 13.52 15.45 -10.40
C GLU D 40 12.48 16.31 -9.66
N SER D 41 11.54 16.86 -10.41
CA SER D 41 10.46 17.64 -9.82
C SER D 41 9.27 16.74 -9.49
N GLY D 42 8.77 16.86 -8.26
CA GLY D 42 7.70 16.00 -7.80
C GLY D 42 8.22 14.61 -7.48
N GLU D 43 7.31 13.68 -7.18
CA GLU D 43 7.70 12.32 -6.82
C GLU D 43 7.74 11.40 -8.04
N TRP D 44 7.37 11.93 -9.19
CA TRP D 44 7.54 11.22 -10.46
C TRP D 44 8.67 11.86 -11.24
N TRP D 45 9.75 11.11 -11.41
CA TRP D 45 10.97 11.63 -12.01
C TRP D 45 11.09 11.22 -13.46
N LYS D 46 11.65 12.10 -14.29
CA LYS D 46 11.99 11.68 -15.63
C LYS D 46 13.36 11.03 -15.60
N ALA D 47 13.50 9.90 -16.26
CA ALA D 47 14.75 9.15 -16.23
C ALA D 47 15.04 8.52 -17.58
N ARG D 48 16.28 8.12 -17.78
CA ARG D 48 16.68 7.38 -18.94
C ARG D 48 17.34 6.11 -18.53
N SER D 49 16.97 5.04 -19.18
CA SER D 49 17.59 3.77 -18.94
C SER D 49 19.00 3.79 -19.50
N LEU D 50 19.95 3.33 -18.71
CA LEU D 50 21.32 3.23 -19.19
C LEU D 50 21.43 2.16 -20.24
N ALA D 51 20.77 1.03 -20.04
CA ALA D 51 20.90 -0.06 -20.98
C ALA D 51 20.35 0.27 -22.35
N THR D 52 19.12 0.77 -22.41
CA THR D 52 18.43 1.00 -23.67
C THR D 52 18.37 2.42 -24.13
N ARG D 53 18.62 3.36 -23.26
CA ARG D 53 18.46 4.75 -23.61
C ARG D 53 17.01 5.23 -23.63
N LYS D 54 16.07 4.34 -23.37
CA LYS D 54 14.66 4.73 -23.34
C LYS D 54 14.40 5.73 -22.20
N GLU D 55 13.61 6.76 -22.42
CA GLU D 55 13.28 7.75 -21.39
C GLU D 55 11.83 7.74 -21.01
N GLY D 56 11.55 8.23 -19.82
CA GLY D 56 10.18 8.30 -19.35
C GLY D 56 10.08 8.53 -17.86
N TYR D 57 8.87 8.73 -17.36
CA TYR D 57 8.67 9.03 -15.95
C TYR D 57 8.66 7.76 -15.12
N ILE D 58 9.27 7.83 -13.94
CA ILE D 58 9.34 6.68 -13.03
C ILE D 58 8.90 7.07 -11.63
N PRO D 59 8.37 6.10 -10.88
CA PRO D 59 8.05 6.38 -9.47
C PRO D 59 9.32 6.48 -8.65
N SER D 60 9.56 7.64 -8.04
CA SER D 60 10.84 7.90 -7.37
C SER D 60 11.12 6.95 -6.20
N ASN D 61 10.09 6.41 -5.59
CA ASN D 61 10.30 5.53 -4.44
C ASN D 61 10.69 4.11 -4.83
N TYR D 62 10.72 3.83 -6.14
CA TYR D 62 11.16 2.52 -6.63
C TYR D 62 12.67 2.43 -6.83
N VAL D 63 13.37 3.55 -6.68
CA VAL D 63 14.80 3.54 -6.97
C VAL D 63 15.64 4.07 -5.80
N ALA D 64 16.93 3.79 -5.84
CA ALA D 64 17.89 4.33 -4.89
C ALA D 64 19.13 4.82 -5.63
N ARG D 65 19.75 5.84 -5.13
CA ARG D 65 20.99 6.30 -5.69
C ARG D 65 22.04 5.25 -5.54
N VAL D 66 22.76 4.98 -6.60
CA VAL D 66 23.75 3.92 -6.59
C VAL D 66 24.85 4.23 -5.58
N ASP D 67 25.18 5.51 -5.41
CA ASP D 67 26.21 5.89 -4.44
C ASP D 67 25.66 5.92 -3.00
N SER D 68 24.37 5.62 -2.84
CA SER D 68 23.76 5.63 -1.52
C SER D 68 23.71 4.22 -0.95
N LEU D 69 23.97 3.24 -1.80
CA LEU D 69 23.83 1.84 -1.42
C LEU D 69 24.72 1.47 -0.24
N GLU D 70 24.13 0.75 0.71
CA GLU D 70 24.83 0.28 1.91
C GLU D 70 25.38 1.41 2.78
N THR D 71 24.78 2.59 2.69
CA THR D 71 25.17 3.70 3.54
C THR D 71 24.18 3.92 4.69
N GLU D 72 23.25 2.98 4.86
CA GLU D 72 22.32 3.07 5.98
C GLU D 72 23.10 3.17 7.29
N GLU D 73 22.63 4.04 8.15
CA GLU D 73 23.26 4.29 9.43
C GLU D 73 23.33 3.03 10.29
N TRP D 74 22.35 2.16 10.13
CA TRP D 74 22.26 0.97 10.96
C TRP D 74 23.07 -0.19 10.38
N PHE D 75 23.62 0.00 9.20
CA PHE D 75 24.38 -1.07 8.54
C PHE D 75 25.89 -0.98 8.71
N PHE D 76 26.50 -2.07 9.10
CA PHE D 76 27.90 -2.11 9.39
C PHE D 76 28.55 -3.16 8.55
N LYS D 77 29.09 -2.74 7.43
CA LYS D 77 29.58 -3.66 6.43
C LYS D 77 30.72 -4.54 6.87
N GLY D 78 30.57 -5.83 6.57
CA GLY D 78 31.61 -6.82 6.78
C GLY D 78 32.44 -6.76 8.05
N ILE D 79 31.79 -6.90 9.18
CA ILE D 79 32.51 -6.97 10.40
C ILE D 79 31.98 -8.09 11.24
N SER D 80 32.88 -8.72 11.95
CA SER D 80 32.65 -9.95 12.62
C SER D 80 31.77 -9.83 13.82
N ARG D 81 31.33 -10.95 14.31
CA ARG D 81 30.53 -11.04 15.53
C ARG D 81 31.31 -10.49 16.71
N LYS D 82 32.57 -10.87 16.82
CA LYS D 82 33.43 -10.43 17.90
C LYS D 82 33.61 -8.91 17.90
N ASP D 83 33.83 -8.35 16.72
CA ASP D 83 34.02 -6.90 16.58
C ASP D 83 32.75 -6.13 16.88
N ALA D 84 31.61 -6.71 16.50
CA ALA D 84 30.31 -6.10 16.77
C ALA D 84 30.10 -5.96 18.27
N GLU D 85 30.41 -7.03 19.01
CA GLU D 85 30.27 -7.00 20.47
C GLU D 85 31.15 -5.93 21.08
N ARG D 86 32.42 -5.94 20.71
CA ARG D 86 33.35 -4.98 21.22
C ARG D 86 32.88 -3.57 21.00
N GLN D 87 32.52 -3.25 19.78
CA GLN D 87 32.07 -1.91 19.47
C GLN D 87 30.79 -1.49 20.18
N LEU D 88 29.87 -2.42 20.32
CA LEU D 88 28.62 -2.13 20.96
C LEU D 88 28.76 -1.98 22.44
N LEU D 89 29.75 -2.67 22.99
CA LEU D 89 30.01 -2.65 24.42
C LEU D 89 30.84 -1.44 24.87
N ALA D 90 31.31 -0.67 23.92
CA ALA D 90 32.08 0.53 24.25
C ALA D 90 31.19 1.53 24.97
N PRO D 91 31.76 2.24 25.96
CA PRO D 91 30.97 3.29 26.62
C PRO D 91 30.43 4.30 25.60
N GLY D 92 29.29 4.92 25.91
CA GLY D 92 28.69 5.87 24.99
C GLY D 92 27.51 5.27 24.26
N ASN D 93 27.52 3.95 24.09
CA ASN D 93 26.36 3.27 23.54
C ASN D 93 25.35 3.07 24.64
N MET D 94 24.08 3.02 24.27
CA MET D 94 23.04 2.89 25.28
C MET D 94 22.32 1.57 25.15
N LEU D 95 21.38 1.35 26.06
CA LEU D 95 20.52 0.19 26.02
C LEU D 95 19.86 0.14 24.65
N GLY D 96 19.93 -1.02 24.00
CA GLY D 96 19.26 -1.20 22.73
C GLY D 96 20.02 -0.65 21.52
N SER D 97 21.22 -0.15 21.75
CA SER D 97 22.10 0.23 20.63
C SER D 97 22.30 -0.99 19.76
N PHE D 98 22.41 -0.80 18.47
CA PHE D 98 22.43 -1.91 17.56
C PHE D 98 23.17 -1.78 16.24
N MET D 99 23.36 -2.91 15.62
CA MET D 99 23.95 -3.05 14.30
C MET D 99 23.21 -4.09 13.47
N ILE D 100 23.11 -3.87 12.19
CA ILE D 100 22.84 -4.93 11.25
C ILE D 100 24.13 -5.17 10.49
N ARG D 101 24.51 -6.41 10.43
CA ARG D 101 25.76 -6.74 9.75
C ARG D 101 25.54 -7.95 8.84
N ASP D 102 26.43 -8.15 7.87
CA ASP D 102 26.32 -9.31 7.00
C ASP D 102 27.35 -10.37 7.37
N GLY D 108 23.84 -11.39 1.52
CA GLY D 108 22.53 -12.02 1.50
C GLY D 108 22.10 -12.51 2.87
N SER D 109 23.09 -12.83 3.70
CA SER D 109 22.82 -13.32 5.05
C SER D 109 23.15 -12.24 6.08
N TYR D 110 22.16 -11.86 6.88
CA TYR D 110 22.35 -10.77 7.84
C TYR D 110 22.14 -11.15 9.30
N SER D 111 22.72 -10.36 10.18
CA SER D 111 22.59 -10.56 11.62
CA SER D 111 22.59 -10.56 11.62
C SER D 111 22.28 -9.24 12.31
N LEU D 112 21.46 -9.31 13.36
CA LEU D 112 21.16 -8.16 14.19
C LEU D 112 21.85 -8.33 15.54
N SER D 113 22.67 -7.36 15.91
CA SER D 113 23.36 -7.40 17.21
C SER D 113 22.84 -6.25 18.07
N VAL D 114 22.48 -6.55 19.30
CA VAL D 114 21.76 -5.60 20.15
C VAL D 114 22.38 -5.52 21.54
N ARG D 115 22.59 -4.31 22.03
CA ARG D 115 23.14 -4.14 23.37
C ARG D 115 22.07 -4.31 24.46
N ASP D 116 22.34 -5.20 25.41
CA ASP D 116 21.37 -5.58 26.42
C ASP D 116 21.92 -5.22 27.81
N TYR D 117 21.04 -5.16 28.81
CA TYR D 117 21.49 -4.99 30.19
C TYR D 117 20.71 -5.90 31.14
N ASP D 118 21.42 -6.41 32.13
CA ASP D 118 20.86 -7.27 33.16
C ASP D 118 21.55 -6.87 34.46
N PRO D 119 20.78 -6.66 35.53
CA PRO D 119 21.35 -6.13 36.78
C PRO D 119 22.34 -7.09 37.43
N ARG D 120 22.40 -8.32 36.97
CA ARG D 120 23.34 -9.28 37.51
C ARG D 120 24.53 -9.46 36.56
N GLN D 121 24.25 -9.63 35.27
CA GLN D 121 25.32 -9.89 34.30
C GLN D 121 25.93 -8.60 33.72
N GLY D 122 25.26 -7.47 33.90
CA GLY D 122 25.75 -6.21 33.38
C GLY D 122 25.51 -6.08 31.88
N ASP D 123 26.41 -5.38 31.20
CA ASP D 123 26.27 -5.13 29.76
C ASP D 123 26.61 -6.35 28.91
N THR D 124 25.72 -6.71 27.99
CA THR D 124 26.00 -7.78 27.05
C THR D 124 25.53 -7.41 25.65
N VAL D 125 25.88 -8.24 24.68
CA VAL D 125 25.36 -8.09 23.32
C VAL D 125 24.68 -9.38 22.91
N LYS D 126 23.44 -9.29 22.44
CA LYS D 126 22.73 -10.43 21.92
C LYS D 126 22.75 -10.38 20.39
N HIS D 127 22.82 -11.55 19.76
CA HIS D 127 22.88 -11.64 18.31
C HIS D 127 21.70 -12.43 17.77
N TYR D 128 21.05 -11.89 16.76
CA TYR D 128 19.89 -12.54 16.15
C TYR D 128 20.12 -12.77 14.67
N LYS D 129 19.93 -14.00 14.21
CA LYS D 129 20.04 -14.27 12.79
C LYS D 129 18.82 -13.72 12.07
N ILE D 130 19.05 -12.96 11.04
CA ILE D 130 18.01 -12.56 10.16
C ILE D 130 17.93 -13.51 8.98
N ARG D 131 16.90 -14.31 8.95
CA ARG D 131 16.65 -15.25 7.88
C ARG D 131 15.78 -14.72 6.75
N THR D 132 15.79 -15.41 5.62
CA THR D 132 14.97 -15.03 4.51
C THR D 132 14.13 -16.20 4.07
N LEU D 133 12.92 -15.91 3.64
CA LEU D 133 12.03 -16.91 3.13
C LEU D 133 12.36 -17.14 1.68
N ASP D 134 11.76 -18.16 1.11
CA ASP D 134 11.91 -18.40 -0.31
C ASP D 134 11.45 -17.19 -1.11
N ASN D 135 10.42 -16.50 -0.62
CA ASN D 135 9.89 -15.35 -1.36
C ASN D 135 10.71 -14.08 -1.11
N GLY D 136 11.74 -14.19 -0.28
CA GLY D 136 12.65 -13.09 -0.05
C GLY D 136 12.38 -12.26 1.20
N GLY D 137 11.26 -12.51 1.88
CA GLY D 137 10.92 -11.77 3.07
C GLY D 137 11.92 -12.03 4.19
N PHE D 138 12.20 -11.00 4.98
CA PHE D 138 13.15 -11.07 6.10
C PHE D 138 12.46 -11.32 7.42
N TYR D 139 13.07 -12.12 8.30
CA TYR D 139 12.47 -12.35 9.60
C TYR D 139 13.51 -12.82 10.61
N ILE D 140 13.23 -12.52 11.87
CA ILE D 140 13.99 -13.10 12.97
C ILE D 140 13.12 -14.17 13.62
N SER D 141 11.84 -13.83 13.80
CA SER D 141 10.85 -14.73 14.40
C SER D 141 9.78 -15.12 13.38
N PRO D 142 9.15 -16.29 13.56
CA PRO D 142 8.03 -16.64 12.68
C PRO D 142 6.83 -15.71 12.87
N ARG D 143 6.86 -14.87 13.90
CA ARG D 143 5.72 -14.04 14.24
C ARG D 143 5.61 -12.76 13.40
N SER D 144 6.68 -12.37 12.72
CA SER D 144 6.63 -11.21 11.83
C SER D 144 7.65 -11.31 10.70
N THR D 145 7.28 -10.77 9.55
CA THR D 145 8.09 -10.85 8.35
C THR D 145 8.09 -9.48 7.67
N PHE D 146 9.20 -9.13 7.04
CA PHE D 146 9.39 -7.80 6.48
C PHE D 146 9.93 -7.84 5.07
N SER D 147 9.45 -6.94 4.22
CA SER D 147 9.87 -6.96 2.83
C SER D 147 11.25 -6.31 2.65
N THR D 148 11.68 -5.50 3.63
CA THR D 148 12.99 -4.86 3.59
C THR D 148 13.63 -4.86 4.97
N LEU D 149 14.95 -4.73 5.02
CA LEU D 149 15.63 -4.65 6.30
C LEU D 149 15.24 -3.37 7.03
N GLN D 150 14.99 -2.30 6.28
CA GLN D 150 14.58 -1.06 6.91
C GLN D 150 13.27 -1.21 7.68
N GLU D 151 12.32 -1.95 7.11
CA GLU D 151 11.05 -2.18 7.81
C GLU D 151 11.29 -2.99 9.07
N LEU D 152 12.21 -3.94 9.01
CA LEU D 152 12.52 -4.76 10.18
C LEU D 152 13.07 -3.88 11.30
N VAL D 153 14.03 -3.02 10.95
CA VAL D 153 14.60 -2.07 11.91
C VAL D 153 13.50 -1.19 12.53
N ASP D 154 12.68 -0.60 11.67
CA ASP D 154 11.62 0.28 12.17
C ASP D 154 10.66 -0.46 13.09
N HIS D 155 10.42 -1.73 12.82
CA HIS D 155 9.51 -2.52 13.65
C HIS D 155 10.06 -2.71 15.06
N TYR D 156 11.31 -3.13 15.16
CA TYR D 156 11.87 -3.43 16.46
C TYR D 156 12.32 -2.17 17.20
N LYS D 157 12.29 -1.02 16.52
CA LYS D 157 12.47 0.25 17.20
C LYS D 157 11.19 0.67 17.91
N LYS D 158 10.05 0.14 17.50
CA LYS D 158 8.78 0.43 18.12
C LYS D 158 8.54 -0.33 19.40
N GLY D 159 9.13 -1.49 19.52
CA GLY D 159 8.98 -2.32 20.70
C GLY D 159 9.83 -3.57 20.55
N ASN D 160 10.20 -4.19 21.65
CA ASN D 160 11.14 -5.32 21.61
C ASN D 160 10.55 -6.50 20.86
N ASP D 161 9.24 -6.69 20.97
CA ASP D 161 8.51 -7.77 20.29
C ASP D 161 9.28 -9.09 20.30
N GLY D 162 9.79 -9.47 21.46
CA GLY D 162 10.49 -10.74 21.59
C GLY D 162 12.01 -10.64 21.68
N LEU D 163 12.58 -9.51 21.25
CA LEU D 163 14.03 -9.31 21.40
C LEU D 163 14.35 -8.98 22.84
N CYS D 164 15.63 -9.04 23.20
CA CYS D 164 16.07 -8.67 24.54
C CYS D 164 15.71 -7.22 24.86
N GLN D 165 15.78 -6.36 23.86
CA GLN D 165 15.51 -4.93 24.02
C GLN D 165 14.87 -4.33 22.76
N LYS D 166 14.09 -3.27 22.97
CA LYS D 166 13.67 -2.41 21.87
C LYS D 166 14.90 -1.71 21.28
N LEU D 167 15.01 -1.68 19.96
CA LEU D 167 16.14 -1.01 19.33
C LEU D 167 16.09 0.49 19.60
N SER D 168 17.24 1.09 19.91
CA SER D 168 17.28 2.52 20.16
C SER D 168 17.98 3.23 19.00
N VAL D 169 19.29 3.26 19.02
CA VAL D 169 20.07 3.94 18.00
C VAL D 169 21.21 3.06 17.50
N PRO D 170 21.68 3.31 16.27
CA PRO D 170 22.83 2.56 15.77
C PRO D 170 24.05 2.70 16.65
N CYS D 171 24.87 1.66 16.67
CA CYS D 171 26.15 1.65 17.36
C CYS D 171 26.98 2.88 17.00
N MET D 172 27.58 3.52 18.00
CA MET D 172 28.42 4.68 17.73
CA MET D 172 28.46 4.67 17.77
C MET D 172 29.69 4.25 16.98
N LEU D 173 30.08 5.07 16.02
CA LEU D 173 31.31 4.84 15.29
C LEU D 173 32.50 5.32 16.13
N GLU D 174 33.65 4.74 15.90
CA GLU D 174 34.85 5.10 16.68
C GLU D 174 35.96 5.62 15.77
C1 MPD E . -1.85 -13.51 13.61
C2 MPD E . -2.00 -14.87 12.92
O2 MPD E . -1.29 -14.82 11.66
CM MPD E . -1.39 -15.97 13.77
C3 MPD E . -3.48 -15.18 12.66
C4 MPD E . -4.11 -14.18 11.70
O4 MPD E . -3.43 -14.23 10.48
C5 MPD E . -5.58 -14.46 11.46
C1 MPD F . 3.04 -2.33 7.49
C2 MPD F . 3.81 -2.38 6.17
O2 MPD F . 5.21 -2.05 6.46
CM MPD F . 3.77 -3.78 5.58
C3 MPD F . 3.24 -1.38 5.19
C4 MPD F . 4.31 -0.48 4.59
O4 MPD F . 4.69 -1.01 3.34
C5 MPD F . 3.79 0.93 4.38
C1 MPD G . -9.93 -6.46 -12.02
C2 MPD G . -11.03 -7.45 -12.37
O2 MPD G . -12.25 -6.69 -12.58
CM MPD G . -10.69 -8.20 -13.64
C3 MPD G . -11.27 -8.40 -11.20
C4 MPD G . -10.45 -9.69 -11.28
O4 MPD G . -9.06 -9.39 -11.25
C5 MPD G . -10.78 -10.58 -10.11
I IOD H . 5.43 -14.72 6.76
I IOD I . 3.00 15.31 18.93
I IOD J . -4.88 22.75 17.91
I IOD K . -2.87 14.42 -7.03
I IOD L . 18.26 4.00 12.51
I IOD M . 5.61 -13.92 3.37
#